data_9QDB
#
_entry.id   9QDB
#
_cell.length_a   48.628
_cell.length_b   48.628
_cell.length_c   194.979
_cell.angle_alpha   90
_cell.angle_beta   90
_cell.angle_gamma   120
#
_symmetry.space_group_name_H-M   'P 32 2 1'
#
loop_
_entity.id
_entity.type
_entity.pdbx_description
1 polymer 'Peptidyl-prolyl cis-trans isomerase FKBP5'
2 non-polymer (2~{S},9~{S},12~{R})-2-cyclohexyl-20,23-dimethoxy-12-methyl-11,14,18-trioxa-4-azatricyclo[17.2.2.0^{4,9}]tricosa-1(22),19(23),20-triene-3,10-dione
3 water water
#
_entity_poly.entity_id   1
_entity_poly.type   'polypeptide(L)'
_entity_poly.pdbx_seq_one_letter_code
;GAPATVTEQGEDITSKKDRGVLKIVKRVGNGEETPMIGDKVYVHYKGKLSNGKKFDSSHDRNEPFVFSLGKGQVIKAWDI
GVATMKKGEIAHLLIKPEYAYGSAGSLPKIPSNATLFFEIELLDFKGE
;
_entity_poly.pdbx_strand_id   A,B
#
# COMPACT_ATOMS: atom_id res chain seq x y z
N GLY A 1 19.10 12.35 -14.12
CA GLY A 1 18.52 11.15 -14.76
C GLY A 1 17.03 11.29 -15.06
N ALA A 2 16.50 10.13 -15.46
CA ALA A 2 15.16 10.07 -15.98
C ALA A 2 14.16 10.62 -14.97
N PRO A 3 14.21 10.26 -13.67
CA PRO A 3 13.22 10.77 -12.71
C PRO A 3 13.22 12.31 -12.57
N ALA A 4 14.40 12.93 -12.56
CA ALA A 4 14.49 14.37 -12.49
C ALA A 4 13.95 15.02 -13.78
N THR A 5 14.27 14.42 -14.94
CA THR A 5 13.75 14.96 -16.20
C THR A 5 12.23 14.97 -16.19
N VAL A 6 11.61 13.97 -15.55
CA VAL A 6 10.17 13.87 -15.56
C VAL A 6 9.55 14.91 -14.62
N THR A 7 10.10 15.09 -13.42
CA THR A 7 9.79 16.24 -12.57
C THR A 7 9.78 17.55 -13.36
N GLU A 8 10.84 17.83 -14.10
CA GLU A 8 10.97 19.13 -14.71
C GLU A 8 10.05 19.28 -15.94
N GLN A 9 9.84 18.21 -16.72
CA GLN A 9 9.27 18.32 -18.06
C GLN A 9 8.05 17.44 -18.27
N GLY A 10 7.69 16.60 -17.29
CA GLY A 10 6.55 15.72 -17.43
C GLY A 10 5.20 16.48 -17.40
N GLU A 11 4.21 15.92 -18.10
CA GLU A 11 2.83 16.39 -18.07
C GLU A 11 2.10 15.80 -16.85
N ASP A 12 1.29 16.62 -16.18
CA ASP A 12 0.47 16.15 -15.06
C ASP A 12 -0.83 15.57 -15.62
N ILE A 13 -0.93 14.24 -15.61
CA ILE A 13 -2.08 13.54 -16.16
C ILE A 13 -3.10 13.17 -15.06
N THR A 14 -3.04 13.80 -13.87
CA THR A 14 -4.06 13.56 -12.84
C THR A 14 -5.30 14.40 -13.10
N SER A 15 -6.47 13.94 -12.63
CA SER A 15 -7.71 14.71 -12.69
C SER A 15 -7.61 15.93 -11.78
N LYS A 16 -7.00 15.70 -10.63
CA LYS A 16 -6.93 16.69 -9.58
C LYS A 16 -5.86 17.72 -9.91
N LYS A 17 -4.99 17.45 -10.88
CA LYS A 17 -3.85 18.33 -11.18
C LYS A 17 -3.00 18.51 -9.93
N ASP A 18 -2.59 17.40 -9.32
CA ASP A 18 -1.79 17.46 -8.10
C ASP A 18 -0.40 16.95 -8.38
N ARG A 19 -0.02 16.80 -9.66
CA ARG A 19 1.31 16.33 -10.05
C ARG A 19 1.61 14.96 -9.44
N GLY A 20 0.53 14.19 -9.20
CA GLY A 20 0.71 12.90 -8.57
C GLY A 20 1.26 11.86 -9.55
N VAL A 21 0.95 12.06 -10.84
CA VAL A 21 1.39 11.19 -11.91
C VAL A 21 1.89 12.12 -13.04
N LEU A 22 3.20 12.05 -13.29
CA LEU A 22 3.88 12.84 -14.31
C LEU A 22 4.41 11.92 -15.40
N LYS A 23 4.16 12.31 -16.66
CA LYS A 23 4.42 11.46 -17.80
C LYS A 23 5.27 12.19 -18.84
N ILE A 24 6.23 11.49 -19.44
CA ILE A 24 6.78 11.88 -20.72
C ILE A 24 6.65 10.74 -21.72
N VAL A 25 6.25 11.07 -22.96
CA VAL A 25 6.24 10.08 -24.02
C VAL A 25 7.67 9.98 -24.52
N LYS A 26 8.21 8.76 -24.54
CA LYS A 26 9.56 8.59 -25.02
C LYS A 26 9.61 7.99 -26.42
N ARG A 27 8.72 7.07 -26.80
CA ARG A 27 8.59 6.69 -28.19
C ARG A 27 7.13 6.71 -28.58
N VAL A 28 6.80 7.31 -29.74
CA VAL A 28 5.39 7.47 -30.08
C VAL A 28 4.87 6.09 -30.54
N GLY A 29 3.65 5.70 -30.09
CA GLY A 29 2.98 4.50 -30.55
C GLY A 29 2.14 4.75 -31.82
N ASN A 30 1.24 3.78 -32.14
CA ASN A 30 0.48 3.72 -33.38
C ASN A 30 -1.02 3.79 -33.09
N GLY A 31 -1.83 4.07 -34.12
CA GLY A 31 -3.27 4.06 -33.98
C GLY A 31 -3.69 5.27 -33.18
N GLU A 32 -4.91 5.25 -32.64
CA GLU A 32 -5.30 6.27 -31.65
C GLU A 32 -6.32 5.74 -30.64
N GLU A 33 -6.69 4.45 -30.74
CA GLU A 33 -7.22 3.71 -29.61
C GLU A 33 -6.21 3.80 -28.45
N THR A 34 -6.72 4.02 -27.23
CA THR A 34 -5.97 3.79 -26.02
C THR A 34 -6.81 2.87 -25.16
N PRO A 35 -6.24 2.16 -24.17
CA PRO A 35 -6.99 1.16 -23.45
C PRO A 35 -8.08 1.82 -22.61
N MET A 36 -9.26 1.16 -22.62
CA MET A 36 -10.44 1.52 -21.85
C MET A 36 -10.43 0.65 -20.60
N ILE A 37 -11.16 1.09 -19.57
CA ILE A 37 -11.23 0.36 -18.32
C ILE A 37 -11.81 -1.01 -18.63
N GLY A 38 -11.25 -2.05 -18.02
CA GLY A 38 -11.63 -3.42 -18.33
C GLY A 38 -10.71 -4.13 -19.32
N ASP A 39 -10.01 -3.38 -20.17
CA ASP A 39 -9.17 -3.95 -21.22
C ASP A 39 -8.13 -4.90 -20.59
N LYS A 40 -7.77 -5.99 -21.29
CA LYS A 40 -6.62 -6.82 -20.93
C LYS A 40 -5.43 -6.10 -21.58
N VAL A 41 -4.41 -5.78 -20.78
CA VAL A 41 -3.30 -4.93 -21.21
C VAL A 41 -1.97 -5.66 -21.05
N TYR A 42 -1.06 -5.45 -22.01
CA TYR A 42 0.20 -6.17 -22.11
C TYR A 42 1.35 -5.18 -22.19
N VAL A 43 2.29 -5.27 -21.23
CA VAL A 43 3.37 -4.29 -21.17
C VAL A 43 4.70 -4.97 -20.87
N HIS A 44 5.79 -4.29 -21.25
CA HIS A 44 7.07 -4.46 -20.61
C HIS A 44 7.36 -3.19 -19.85
N TYR A 45 8.06 -3.34 -18.71
CA TYR A 45 8.36 -2.21 -17.83
C TYR A 45 9.69 -2.48 -17.09
N LYS A 46 10.35 -1.37 -16.77
CA LYS A 46 11.45 -1.28 -15.84
C LYS A 46 10.98 -0.24 -14.83
N GLY A 47 11.18 -0.51 -13.54
CA GLY A 47 10.68 0.35 -12.48
C GLY A 47 11.71 0.41 -11.35
N LYS A 48 11.62 1.43 -10.51
CA LYS A 48 12.46 1.58 -9.33
C LYS A 48 11.87 2.64 -8.40
N LEU A 49 12.30 2.62 -7.15
CA LEU A 49 12.12 3.76 -6.27
C LEU A 49 12.87 4.94 -6.89
N SER A 50 12.25 6.10 -6.88
CA SER A 50 12.88 7.38 -7.13
C SER A 50 14.31 7.45 -6.61
N ASN A 51 14.47 7.14 -5.31
CA ASN A 51 15.72 7.03 -4.55
C ASN A 51 16.75 6.13 -5.23
N GLY A 52 16.49 5.52 -6.41
CA GLY A 52 17.37 4.51 -7.01
C GLY A 52 17.56 3.21 -6.20
N LYS A 53 16.82 2.97 -5.10
CA LYS A 53 17.32 2.05 -4.08
C LYS A 53 16.78 0.63 -4.25
N LYS A 54 15.69 0.37 -4.99
CA LYS A 54 15.20 -0.97 -5.38
C LYS A 54 14.81 -0.82 -6.85
N PHE A 55 14.93 -1.87 -7.65
CA PHE A 55 14.88 -1.83 -9.11
C PHE A 55 14.10 -3.08 -9.53
N ASP A 56 13.28 -3.04 -10.60
CA ASP A 56 12.46 -4.19 -10.94
C ASP A 56 12.11 -4.14 -12.42
N SER A 57 12.10 -5.32 -13.05
CA SER A 57 11.86 -5.45 -14.48
C SER A 57 10.96 -6.65 -14.81
N SER A 58 10.04 -6.40 -15.74
CA SER A 58 9.32 -7.49 -16.41
C SER A 58 10.31 -8.48 -17.02
N HIS A 59 11.39 -7.97 -17.64
CA HIS A 59 12.48 -8.80 -18.18
C HIS A 59 13.04 -9.80 -17.18
N ASP A 60 13.04 -9.46 -15.91
CA ASP A 60 13.45 -10.40 -14.85
C ASP A 60 12.57 -11.67 -14.90
N ARG A 61 11.27 -11.56 -15.24
CA ARG A 61 10.39 -12.73 -15.29
C ARG A 61 10.45 -13.43 -16.67
N ASN A 62 11.12 -12.80 -17.67
CA ASN A 62 11.32 -13.31 -19.03
C ASN A 62 9.98 -13.31 -19.83
N GLU A 63 9.08 -12.34 -19.58
CA GLU A 63 7.69 -12.41 -20.07
C GLU A 63 6.94 -11.09 -19.82
N PRO A 64 5.96 -10.73 -20.68
CA PRO A 64 5.26 -9.45 -20.54
C PRO A 64 4.38 -9.45 -19.30
N PHE A 65 4.19 -8.26 -18.70
CA PHE A 65 3.33 -8.10 -17.54
C PHE A 65 1.92 -7.78 -18.02
N VAL A 66 0.95 -8.54 -17.47
CA VAL A 66 -0.39 -8.55 -18.01
C VAL A 66 -1.33 -8.24 -16.88
N PHE A 67 -2.33 -7.37 -17.13
CA PHE A 67 -3.25 -6.89 -16.10
C PHE A 67 -4.51 -6.34 -16.75
N SER A 68 -5.64 -6.38 -16.05
CA SER A 68 -6.84 -5.71 -16.53
C SER A 68 -6.83 -4.29 -15.98
N LEU A 69 -7.09 -3.34 -16.87
CA LEU A 69 -6.95 -1.94 -16.49
C LEU A 69 -8.18 -1.55 -15.66
N GLY A 70 -7.91 -0.81 -14.60
CA GLY A 70 -8.93 -0.28 -13.71
C GLY A 70 -9.61 -1.37 -12.89
N LYS A 71 -8.95 -2.50 -12.60
CA LYS A 71 -9.57 -3.62 -11.90
C LYS A 71 -8.89 -3.84 -10.54
N GLY A 72 -8.25 -2.75 -10.05
CA GLY A 72 -7.38 -2.72 -8.87
C GLY A 72 -6.28 -3.78 -8.84
N GLN A 73 -5.69 -4.17 -10.00
CA GLN A 73 -4.60 -5.14 -10.02
C GLN A 73 -3.25 -4.43 -9.84
N VAL A 74 -3.19 -3.16 -10.18
CA VAL A 74 -1.95 -2.41 -10.18
C VAL A 74 -2.23 -1.14 -9.40
N ILE A 75 -1.19 -0.35 -9.14
CA ILE A 75 -1.38 0.91 -8.42
C ILE A 75 -2.25 1.85 -9.27
N LYS A 76 -2.91 2.83 -8.62
CA LYS A 76 -3.77 3.81 -9.27
C LYS A 76 -3.05 4.49 -10.43
N ALA A 77 -1.77 4.83 -10.27
CA ALA A 77 -0.99 5.52 -11.30
C ALA A 77 -0.82 4.72 -12.58
N TRP A 78 -0.83 3.40 -12.48
CA TRP A 78 -0.79 2.59 -13.68
C TRP A 78 -2.13 2.63 -14.39
N ASP A 79 -3.23 2.55 -13.63
CA ASP A 79 -4.56 2.61 -14.22
C ASP A 79 -4.71 3.93 -14.95
N ILE A 80 -4.23 5.00 -14.32
CA ILE A 80 -4.27 6.33 -14.93
C ILE A 80 -3.33 6.41 -16.13
N GLY A 81 -2.07 6.03 -15.97
CA GLY A 81 -1.09 6.36 -16.99
C GLY A 81 -1.15 5.45 -18.23
N VAL A 82 -1.31 4.14 -18.00
CA VAL A 82 -1.42 3.23 -19.11
C VAL A 82 -2.63 3.58 -19.97
N ALA A 83 -3.72 4.08 -19.36
CA ALA A 83 -4.92 4.44 -20.11
C ALA A 83 -4.62 5.55 -21.13
N THR A 84 -3.59 6.38 -20.92
CA THR A 84 -3.25 7.45 -21.86
C THR A 84 -2.34 6.99 -22.99
N MET A 85 -1.87 5.74 -22.98
CA MET A 85 -0.88 5.31 -23.94
C MET A 85 -1.49 4.65 -25.20
N LYS A 86 -0.73 4.69 -26.30
CA LYS A 86 -1.07 4.02 -27.54
C LYS A 86 -0.19 2.80 -27.69
N LYS A 87 -0.71 1.83 -28.43
CA LYS A 87 -0.02 0.61 -28.72
C LYS A 87 1.33 0.93 -29.35
N GLY A 88 2.40 0.46 -28.69
CA GLY A 88 3.76 0.61 -29.15
C GLY A 88 4.47 1.79 -28.51
N GLU A 89 3.76 2.57 -27.70
CA GLU A 89 4.34 3.69 -27.01
C GLU A 89 5.19 3.19 -25.84
N ILE A 90 6.31 3.93 -25.64
CA ILE A 90 7.09 3.92 -24.42
C ILE A 90 6.94 5.27 -23.71
N ALA A 91 6.56 5.20 -22.43
CA ALA A 91 6.47 6.39 -21.60
C ALA A 91 7.23 6.25 -20.28
N HIS A 92 7.59 7.42 -19.72
CA HIS A 92 8.16 7.50 -18.41
C HIS A 92 7.09 8.07 -17.50
N LEU A 93 6.92 7.45 -16.33
CA LEU A 93 6.03 7.92 -15.29
C LEU A 93 6.82 8.17 -13.98
N LEU A 94 6.55 9.31 -13.35
CA LEU A 94 6.99 9.56 -11.98
C LEU A 94 5.74 9.76 -11.13
N ILE A 95 5.69 9.05 -10.00
CA ILE A 95 4.46 8.85 -9.26
C ILE A 95 4.65 9.20 -7.79
N LYS A 96 3.82 10.11 -7.27
CA LYS A 96 3.81 10.37 -5.82
C LYS A 96 3.15 9.23 -5.04
N PRO A 97 3.45 9.11 -3.72
CA PRO A 97 2.92 8.00 -2.94
C PRO A 97 1.41 7.83 -3.01
N GLU A 98 0.67 8.93 -3.03
CA GLU A 98 -0.78 8.87 -3.09
C GLU A 98 -1.29 8.07 -4.30
N TYR A 99 -0.54 7.97 -5.40
CA TYR A 99 -0.99 7.18 -6.53
C TYR A 99 -0.26 5.83 -6.59
N ALA A 100 0.37 5.45 -5.48
CA ALA A 100 1.10 4.19 -5.46
C ALA A 100 0.76 3.48 -4.16
N TYR A 101 1.67 3.44 -3.17
CA TYR A 101 1.50 2.58 -2.00
C TYR A 101 1.26 3.38 -0.73
N GLY A 102 1.32 4.73 -0.82
CA GLY A 102 0.80 5.62 0.21
C GLY A 102 1.73 5.71 1.40
N SER A 103 1.15 6.09 2.53
CA SER A 103 2.00 6.20 3.70
C SER A 103 2.17 4.85 4.36
N ALA A 104 1.36 3.86 3.98
CA ALA A 104 1.52 2.51 4.50
C ALA A 104 2.69 1.76 3.85
N GLY A 105 3.02 2.13 2.61
CA GLY A 105 4.01 1.42 1.84
C GLY A 105 3.57 -0.03 1.59
N SER A 106 4.55 -0.88 1.31
CA SER A 106 4.37 -2.28 0.97
C SER A 106 5.67 -3.01 1.25
N LEU A 107 6.05 -3.10 2.51
CA LEU A 107 7.32 -3.69 2.86
C LEU A 107 7.33 -5.17 2.52
N PRO A 108 8.51 -5.76 2.30
CA PRO A 108 9.75 -5.02 2.35
C PRO A 108 10.13 -4.30 1.07
N LYS A 109 9.35 -4.44 0.01
CA LYS A 109 9.72 -3.89 -1.28
C LYS A 109 9.59 -2.38 -1.26
N ILE A 110 8.47 -1.86 -0.74
CA ILE A 110 8.20 -0.45 -0.88
C ILE A 110 8.06 0.20 0.49
N PRO A 111 8.84 1.25 0.78
CA PRO A 111 8.73 1.92 2.05
C PRO A 111 7.57 2.92 2.04
N SER A 112 7.30 3.45 3.24
CA SER A 112 6.29 4.47 3.43
C SER A 112 6.63 5.71 2.61
N ASN A 113 5.59 6.31 2.02
CA ASN A 113 5.71 7.60 1.37
C ASN A 113 6.70 7.58 0.20
N ALA A 114 6.72 6.50 -0.61
CA ALA A 114 7.73 6.33 -1.65
C ALA A 114 7.21 6.92 -2.94
N THR A 115 8.08 7.70 -3.58
CA THR A 115 7.96 8.10 -4.97
C THR A 115 8.58 7.03 -5.91
N LEU A 116 7.84 6.66 -6.96
CA LEU A 116 8.24 5.60 -7.89
C LEU A 116 8.42 6.16 -9.31
N PHE A 117 9.36 5.52 -10.04
CA PHE A 117 9.64 5.76 -11.46
C PHE A 117 9.46 4.48 -12.28
N PHE A 118 8.73 4.58 -13.39
CA PHE A 118 8.68 3.48 -14.36
C PHE A 118 8.97 3.93 -15.77
N GLU A 119 9.55 3.03 -16.54
CA GLU A 119 9.47 3.08 -17.99
C GLU A 119 8.53 1.95 -18.37
N ILE A 120 7.49 2.29 -19.17
CA ILE A 120 6.48 1.37 -19.65
C ILE A 120 6.45 1.40 -21.18
N GLU A 121 6.54 0.19 -21.79
CA GLU A 121 6.14 -0.05 -23.17
C GLU A 121 4.78 -0.74 -23.23
N LEU A 122 3.81 -0.10 -23.89
CA LEU A 122 2.54 -0.76 -24.16
C LEU A 122 2.66 -1.68 -25.38
N LEU A 123 2.53 -2.99 -25.12
CA LEU A 123 2.67 -3.95 -26.21
C LEU A 123 1.33 -4.11 -26.93
N ASP A 124 0.28 -4.30 -26.12
CA ASP A 124 -1.00 -4.63 -26.72
C ASP A 124 -2.10 -4.45 -25.68
N PHE A 125 -3.35 -4.37 -26.15
CA PHE A 125 -4.54 -4.48 -25.29
C PHE A 125 -5.74 -5.00 -26.06
N LYS A 126 -6.62 -5.74 -25.36
CA LYS A 126 -7.71 -6.53 -25.94
C LYS A 126 -8.94 -6.26 -25.08
N GLY A 127 -10.14 -6.11 -25.67
CA GLY A 127 -11.37 -5.92 -24.91
C GLY A 127 -11.72 -7.15 -24.07
N GLU A 128 -12.14 -6.99 -22.80
CA GLU A 128 -12.67 -8.08 -21.98
C GLU A 128 -13.60 -8.94 -22.86
N GLY B 1 3.48 -1.83 31.92
CA GLY B 1 2.76 -1.22 30.79
C GLY B 1 1.99 -2.22 29.95
N ALA B 2 0.98 -1.72 29.23
CA ALA B 2 0.26 -2.53 28.29
C ALA B 2 1.24 -3.15 27.29
N PRO B 3 2.23 -2.38 26.77
CA PRO B 3 3.21 -2.93 25.85
C PRO B 3 4.03 -4.07 26.43
N ALA B 4 4.46 -3.93 27.68
CA ALA B 4 5.26 -4.96 28.31
C ALA B 4 4.43 -6.22 28.52
N THR B 5 3.16 -6.07 28.88
CA THR B 5 2.33 -7.25 29.09
C THR B 5 2.26 -8.06 27.80
N VAL B 6 2.27 -7.37 26.66
CA VAL B 6 2.14 -8.01 25.37
C VAL B 6 3.45 -8.74 25.02
N THR B 7 4.59 -8.06 25.17
CA THR B 7 5.90 -8.68 25.09
C THR B 7 5.91 -10.03 25.85
N GLU B 8 5.46 -10.04 27.11
CA GLU B 8 5.68 -11.17 28.00
C GLU B 8 4.70 -12.30 27.67
N GLN B 9 3.43 -11.96 27.36
CA GLN B 9 2.36 -12.94 27.29
C GLN B 9 1.60 -12.94 25.94
N GLY B 10 2.01 -12.12 24.97
CA GLY B 10 1.21 -12.01 23.76
C GLY B 10 1.44 -13.20 22.85
N GLU B 11 0.40 -13.59 22.08
CA GLU B 11 0.50 -14.62 21.05
C GLU B 11 1.13 -14.09 19.74
N ASP B 12 2.08 -14.87 19.19
CA ASP B 12 2.77 -14.56 17.96
C ASP B 12 1.90 -15.00 16.79
N ILE B 13 1.33 -14.01 16.10
CA ILE B 13 0.32 -14.28 15.09
C ILE B 13 0.93 -14.14 13.72
N THR B 14 2.27 -14.09 13.61
CA THR B 14 2.95 -14.12 12.30
C THR B 14 3.02 -15.56 11.78
N SER B 15 3.06 -15.66 10.45
CA SER B 15 3.32 -16.89 9.71
C SER B 15 4.70 -17.42 10.01
N LYS B 16 5.64 -16.49 10.00
CA LYS B 16 7.05 -16.82 10.14
C LYS B 16 7.39 -17.13 11.59
N LYS B 17 6.49 -16.85 12.53
CA LYS B 17 6.77 -17.04 13.93
C LYS B 17 8.05 -16.26 14.31
N ASP B 18 8.10 -14.98 13.96
CA ASP B 18 9.28 -14.17 14.24
C ASP B 18 8.95 -13.12 15.28
N ARG B 19 7.80 -13.28 15.96
CA ARG B 19 7.40 -12.36 17.01
C ARG B 19 7.26 -10.93 16.49
N GLY B 20 7.02 -10.77 15.19
CA GLY B 20 6.89 -9.45 14.61
C GLY B 20 5.57 -8.78 14.97
N VAL B 21 4.55 -9.59 15.30
CA VAL B 21 3.22 -9.10 15.65
C VAL B 21 2.74 -9.96 16.81
N LEU B 22 2.56 -9.32 17.99
CA LEU B 22 2.09 -9.94 19.22
C LEU B 22 0.72 -9.40 19.61
N LYS B 23 -0.16 -10.31 20.04
CA LYS B 23 -1.55 -9.96 20.25
C LYS B 23 -2.02 -10.49 21.58
N ILE B 24 -2.73 -9.62 22.31
CA ILE B 24 -3.54 -10.04 23.45
C ILE B 24 -4.98 -9.60 23.25
N VAL B 25 -5.92 -10.53 23.47
CA VAL B 25 -7.31 -10.17 23.37
C VAL B 25 -7.69 -9.47 24.68
N LYS B 26 -8.27 -8.28 24.61
CA LYS B 26 -8.70 -7.63 25.85
C LYS B 26 -10.19 -7.74 26.10
N ARG B 27 -11.10 -7.57 25.13
CA ARG B 27 -12.51 -7.92 25.27
C ARG B 27 -12.86 -8.92 24.17
N VAL B 28 -13.46 -10.07 24.50
CA VAL B 28 -13.78 -11.09 23.50
C VAL B 28 -14.95 -10.54 22.66
N GLY B 29 -14.95 -10.76 21.35
CA GLY B 29 -16.06 -10.31 20.50
C GLY B 29 -17.23 -11.31 20.43
N ASN B 30 -18.06 -11.15 19.38
CA ASN B 30 -19.25 -11.96 19.18
C ASN B 30 -19.09 -12.81 17.94
N GLY B 31 -19.68 -14.00 17.98
CA GLY B 31 -19.72 -14.86 16.80
C GLY B 31 -18.34 -15.39 16.48
N GLU B 32 -18.31 -16.35 15.56
CA GLU B 32 -17.10 -17.03 15.14
C GLU B 32 -16.40 -16.18 14.06
N GLU B 33 -17.17 -15.37 13.29
CA GLU B 33 -16.72 -14.83 12.01
C GLU B 33 -15.62 -13.79 12.24
N THR B 34 -14.55 -13.83 11.44
CA THR B 34 -13.54 -12.80 11.41
C THR B 34 -13.40 -12.34 9.97
N PRO B 35 -12.89 -11.13 9.70
CA PRO B 35 -12.99 -10.57 8.37
C PRO B 35 -12.07 -11.23 7.36
N MET B 36 -12.46 -11.15 6.10
CA MET B 36 -11.75 -11.76 4.96
C MET B 36 -11.11 -10.62 4.20
N ILE B 37 -10.07 -10.96 3.45
CA ILE B 37 -9.41 -9.97 2.61
C ILE B 37 -10.43 -9.32 1.69
N GLY B 38 -10.36 -8.00 1.52
CA GLY B 38 -11.34 -7.27 0.76
C GLY B 38 -12.49 -6.70 1.62
N ASP B 39 -12.79 -7.27 2.80
CA ASP B 39 -13.90 -6.78 3.63
C ASP B 39 -13.66 -5.31 4.03
N LYS B 40 -14.75 -4.48 4.05
CA LYS B 40 -14.71 -3.10 4.58
C LYS B 40 -14.77 -3.25 6.09
N VAL B 41 -13.74 -2.75 6.81
CA VAL B 41 -13.69 -2.93 8.26
C VAL B 41 -13.67 -1.57 8.98
N TYR B 42 -14.30 -1.59 10.15
CA TYR B 42 -14.57 -0.41 10.95
C TYR B 42 -13.98 -0.59 12.34
N VAL B 43 -13.06 0.31 12.72
CA VAL B 43 -12.41 0.16 14.01
C VAL B 43 -12.33 1.50 14.74
N HIS B 44 -12.18 1.43 16.06
CA HIS B 44 -11.60 2.52 16.83
C HIS B 44 -10.26 2.01 17.32
N TYR B 45 -9.31 2.94 17.49
CA TYR B 45 -7.96 2.57 17.90
C TYR B 45 -7.29 3.74 18.64
N LYS B 46 -6.36 3.36 19.51
CA LYS B 46 -5.36 4.24 20.08
C LYS B 46 -4.03 3.58 19.77
N GLY B 47 -3.03 4.39 19.45
CA GLY B 47 -1.72 3.89 19.08
C GLY B 47 -0.60 4.83 19.55
N LYS B 48 0.62 4.28 19.65
CA LYS B 48 1.77 5.04 20.04
C LYS B 48 3.05 4.31 19.67
N LEU B 49 4.13 5.11 19.54
CA LEU B 49 5.48 4.57 19.53
C LEU B 49 5.75 3.96 20.88
N SER B 50 6.35 2.76 20.91
CA SER B 50 6.78 2.17 22.17
C SER B 50 7.82 3.09 22.76
N ASN B 51 8.80 3.41 21.89
CA ASN B 51 9.89 4.34 22.19
C ASN B 51 9.34 5.74 22.39
N GLY B 52 8.77 5.96 23.57
CA GLY B 52 8.28 7.27 23.95
C GLY B 52 6.86 7.49 23.44
N LYS B 53 6.69 8.57 22.66
CA LYS B 53 5.36 9.11 22.48
C LYS B 53 5.39 10.12 21.32
N LYS B 54 5.00 9.63 20.14
CA LYS B 54 3.90 10.20 19.40
C LYS B 54 2.72 9.30 19.78
N PHE B 55 1.53 9.89 19.99
CA PHE B 55 0.32 9.18 20.39
C PHE B 55 -0.77 9.51 19.37
N ASP B 56 -1.69 8.59 19.09
CA ASP B 56 -2.70 8.85 18.06
C ASP B 56 -3.97 8.06 18.37
N SER B 57 -5.11 8.72 18.08
CA SER B 57 -6.42 8.16 18.33
C SER B 57 -7.43 8.47 17.22
N SER B 58 -8.16 7.42 16.82
CA SER B 58 -9.38 7.57 16.04
C SER B 58 -10.36 8.47 16.79
N HIS B 59 -10.46 8.32 18.11
CA HIS B 59 -11.28 9.18 18.95
C HIS B 59 -11.00 10.67 18.71
N ASP B 60 -9.75 11.02 18.38
CA ASP B 60 -9.40 12.41 18.08
C ASP B 60 -10.22 12.90 16.88
N ARG B 61 -10.51 12.05 15.88
CA ARG B 61 -11.33 12.48 14.74
C ARG B 61 -12.86 12.35 15.00
N ASN B 62 -13.26 11.74 16.14
CA ASN B 62 -14.64 11.59 16.61
C ASN B 62 -15.42 10.51 15.84
N GLU B 63 -14.77 9.52 15.20
CA GLU B 63 -15.42 8.71 14.16
C GLU B 63 -14.56 7.48 13.87
N PRO B 64 -15.12 6.40 13.24
CA PRO B 64 -14.36 5.17 13.10
C PRO B 64 -13.30 5.33 12.03
N PHE B 65 -12.22 4.58 12.16
CA PHE B 65 -11.23 4.37 11.11
C PHE B 65 -11.66 3.19 10.21
N VAL B 66 -11.68 3.44 8.90
CA VAL B 66 -12.31 2.51 7.98
C VAL B 66 -11.27 2.21 6.93
N PHE B 67 -11.10 0.92 6.61
CA PHE B 67 -10.15 0.50 5.58
C PHE B 67 -10.54 -0.86 5.03
N SER B 68 -10.09 -1.17 3.82
CA SER B 68 -10.37 -2.49 3.25
C SER B 68 -9.24 -3.42 3.64
N LEU B 69 -9.57 -4.54 4.27
CA LEU B 69 -8.57 -5.41 4.84
C LEU B 69 -7.75 -6.07 3.75
N GLY B 70 -6.45 -6.13 4.05
CA GLY B 70 -5.55 -6.89 3.20
C GLY B 70 -5.33 -6.21 1.86
N LYS B 71 -5.60 -4.90 1.70
CA LYS B 71 -5.58 -4.26 0.38
C LYS B 71 -4.48 -3.19 0.37
N GLY B 72 -3.47 -3.40 1.24
CA GLY B 72 -2.32 -2.53 1.48
C GLY B 72 -2.65 -1.12 1.98
N GLN B 73 -3.76 -0.94 2.70
CA GLN B 73 -4.17 0.40 3.14
C GLN B 73 -3.53 0.77 4.47
N VAL B 74 -3.13 -0.24 5.23
CA VAL B 74 -2.51 -0.05 6.53
C VAL B 74 -1.22 -0.83 6.54
N ILE B 75 -0.44 -0.70 7.57
CA ILE B 75 0.74 -1.52 7.74
C ILE B 75 0.36 -3.03 7.83
N LYS B 76 1.36 -3.90 7.46
CA LYS B 76 1.22 -5.33 7.39
C LYS B 76 0.61 -5.84 8.68
N ALA B 77 1.09 -5.34 9.82
CA ALA B 77 0.64 -5.84 11.13
C ALA B 77 -0.86 -5.67 11.37
N TRP B 78 -1.46 -4.63 10.81
CA TRP B 78 -2.90 -4.46 10.91
C TRP B 78 -3.63 -5.44 10.00
N ASP B 79 -3.12 -5.64 8.77
CA ASP B 79 -3.73 -6.57 7.86
C ASP B 79 -3.70 -7.97 8.48
N ILE B 80 -2.60 -8.31 9.15
CA ILE B 80 -2.50 -9.56 9.91
C ILE B 80 -3.46 -9.57 11.11
N GLY B 81 -3.37 -8.56 11.97
CA GLY B 81 -3.96 -8.65 13.30
C GLY B 81 -5.47 -8.47 13.27
N VAL B 82 -5.93 -7.45 12.52
CA VAL B 82 -7.35 -7.21 12.42
C VAL B 82 -8.04 -8.39 11.77
N ALA B 83 -7.36 -9.10 10.84
CA ALA B 83 -7.93 -10.32 10.26
C ALA B 83 -8.28 -11.40 11.29
N THR B 84 -7.60 -11.43 12.44
CA THR B 84 -7.89 -12.41 13.48
C THR B 84 -9.00 -11.95 14.42
N MET B 85 -9.59 -10.77 14.23
CA MET B 85 -10.50 -10.25 15.24
C MET B 85 -11.98 -10.46 14.88
N LYS B 86 -12.83 -10.51 15.92
CA LYS B 86 -14.26 -10.71 15.80
C LYS B 86 -14.98 -9.40 16.05
N LYS B 87 -16.23 -9.31 15.57
CA LYS B 87 -17.09 -8.15 15.75
C LYS B 87 -17.20 -7.89 17.25
N GLY B 88 -16.78 -6.71 17.72
CA GLY B 88 -16.91 -6.33 19.11
C GLY B 88 -15.66 -6.65 19.96
N GLU B 89 -14.66 -7.29 19.35
CA GLU B 89 -13.39 -7.55 20.02
C GLU B 89 -12.54 -6.27 20.19
N ILE B 90 -11.81 -6.26 21.32
CA ILE B 90 -10.73 -5.31 21.58
C ILE B 90 -9.44 -6.10 21.80
N ALA B 91 -8.37 -5.70 21.11
CA ALA B 91 -7.06 -6.37 21.24
C ALA B 91 -5.91 -5.36 21.45
N HIS B 92 -4.82 -5.85 22.01
CA HIS B 92 -3.56 -5.12 22.04
C HIS B 92 -2.62 -5.80 21.03
N LEU B 93 -1.91 -5.00 20.24
CA LEU B 93 -0.88 -5.47 19.32
C LEU B 93 0.43 -4.71 19.58
N LEU B 94 1.52 -5.46 19.73
CA LEU B 94 2.87 -4.92 19.71
C LEU B 94 3.57 -5.43 18.44
N ILE B 95 4.19 -4.46 17.73
CA ILE B 95 4.62 -4.60 16.36
C ILE B 95 6.06 -4.17 16.17
N LYS B 96 6.91 -5.10 15.70
CA LYS B 96 8.28 -4.79 15.33
C LYS B 96 8.31 -4.04 14.01
N PRO B 97 9.40 -3.29 13.75
CA PRO B 97 9.43 -2.41 12.60
C PRO B 97 9.18 -3.11 11.26
N GLU B 98 9.62 -4.34 11.12
CA GLU B 98 9.44 -5.09 9.89
C GLU B 98 7.97 -5.23 9.49
N TYR B 99 7.01 -5.19 10.44
CA TYR B 99 5.60 -5.27 10.12
C TYR B 99 4.94 -3.89 10.22
N ALA B 100 5.74 -2.83 10.28
CA ALA B 100 5.17 -1.49 10.36
C ALA B 100 5.86 -0.60 9.33
N TYR B 101 6.83 0.24 9.78
CA TYR B 101 7.41 1.23 8.90
C TYR B 101 8.89 0.97 8.58
N GLY B 102 9.49 -0.07 9.14
CA GLY B 102 10.76 -0.62 8.73
C GLY B 102 11.95 0.28 9.05
N SER B 103 13.03 0.03 8.34
CA SER B 103 14.22 0.79 8.61
C SER B 103 14.13 2.17 7.98
N ALA B 104 13.27 2.35 7.01
CA ALA B 104 13.10 3.66 6.42
C ALA B 104 12.27 4.55 7.35
N GLY B 105 11.38 3.94 8.13
CA GLY B 105 10.51 4.74 8.94
C GLY B 105 9.50 5.47 8.05
N SER B 106 8.91 6.54 8.60
CA SER B 106 7.94 7.37 7.91
C SER B 106 8.09 8.75 8.51
N LEU B 107 9.25 9.33 8.27
CA LEU B 107 9.61 10.57 8.94
C LEU B 107 8.88 11.75 8.32
N PRO B 108 8.64 12.83 9.06
CA PRO B 108 9.12 12.93 10.43
C PRO B 108 8.23 12.27 11.49
N LYS B 109 7.05 11.71 11.12
CA LYS B 109 6.12 11.20 12.12
C LYS B 109 6.67 9.93 12.78
N ILE B 110 7.17 8.98 12.01
CA ILE B 110 7.67 7.75 12.57
C ILE B 110 9.16 7.64 12.27
N PRO B 111 9.99 7.40 13.28
CA PRO B 111 11.39 7.18 13.06
C PRO B 111 11.67 5.79 12.50
N SER B 112 12.92 5.66 12.08
CA SER B 112 13.45 4.42 11.60
C SER B 112 13.41 3.36 12.72
N ASN B 113 13.04 2.14 12.36
CA ASN B 113 13.14 1.00 13.26
C ASN B 113 12.25 1.15 14.50
N ALA B 114 11.04 1.70 14.32
CA ALA B 114 10.13 2.02 15.41
C ALA B 114 9.26 0.80 15.72
N THR B 115 9.19 0.46 17.01
CA THR B 115 8.21 -0.46 17.53
C THR B 115 6.92 0.29 17.88
N LEU B 116 5.77 -0.27 17.48
CA LEU B 116 4.47 0.36 17.67
C LEU B 116 3.60 -0.53 18.56
N PHE B 117 2.70 0.17 19.28
CA PHE B 117 1.68 -0.43 20.13
C PHE B 117 0.31 0.14 19.74
N PHE B 118 -0.68 -0.75 19.57
CA PHE B 118 -2.07 -0.30 19.43
C PHE B 118 -3.03 -1.04 20.33
N GLU B 119 -4.10 -0.32 20.68
CA GLU B 119 -5.31 -0.92 21.19
C GLU B 119 -6.37 -0.72 20.11
N ILE B 120 -6.96 -1.85 19.65
CA ILE B 120 -7.91 -1.85 18.54
C ILE B 120 -9.24 -2.45 18.99
N GLU B 121 -10.35 -1.72 18.71
CA GLU B 121 -11.71 -2.23 18.76
C GLU B 121 -12.25 -2.48 17.35
N LEU B 122 -12.70 -3.71 17.11
CA LEU B 122 -13.32 -4.02 15.83
C LEU B 122 -14.82 -3.77 15.97
N LEU B 123 -15.31 -2.76 15.25
CA LEU B 123 -16.70 -2.34 15.40
C LEU B 123 -17.56 -3.19 14.45
N ASP B 124 -17.13 -3.27 13.19
CA ASP B 124 -17.91 -4.01 12.21
C ASP B 124 -17.05 -4.31 10.99
N PHE B 125 -17.52 -5.27 10.14
CA PHE B 125 -17.00 -5.46 8.79
C PHE B 125 -18.11 -5.96 7.85
N LYS B 126 -18.03 -5.58 6.57
CA LYS B 126 -19.07 -5.75 5.56
C LYS B 126 -18.35 -6.19 4.27
N GLY B 127 -19.03 -7.00 3.47
CA GLY B 127 -18.46 -7.55 2.27
C GLY B 127 -18.15 -6.48 1.22
N GLU B 128 -17.01 -6.70 0.53
CA GLU B 128 -16.59 -5.95 -0.66
C GLU B 128 -17.85 -5.67 -1.50
#